data_2E6X
#
_entry.id   2E6X
#
_cell.length_a   96.486
_cell.length_b   56.051
_cell.length_c   48.885
_cell.angle_alpha   90.00
_cell.angle_beta   93.48
_cell.angle_gamma   90.00
#
_symmetry.space_group_name_H-M   'C 1 2 1'
#
loop_
_entity.id
_entity.type
_entity.pdbx_description
1 polymer 'Hypothetical protein TTHA1281'
2 water water
#
_entity_poly.entity_id   1
_entity_poly.type   'polypeptide(L)'
_entity_poly.pdbx_seq_one_letter_code
;(MSE)EKDLLDKLGQHLVWR(MSE)GRAEDEDVLVVRVGLASATPRFRELPRLLNLPEAE(MSE)RRLVQEGRVRVEWVE
E
;
_entity_poly.pdbx_strand_id   A,B,C,D
#
# COMPACT_ATOMS: atom_id res chain seq x y z
N GLU A 2 4.44 7.61 -29.01
CA GLU A 2 5.14 6.75 -28.06
C GLU A 2 5.50 5.35 -28.55
N LYS A 3 4.56 4.65 -29.18
CA LYS A 3 4.82 3.28 -29.66
C LYS A 3 6.02 3.28 -30.62
N ASP A 4 6.03 4.26 -31.49
CA ASP A 4 7.10 4.44 -32.47
C ASP A 4 8.43 4.65 -31.76
N LEU A 5 8.46 5.57 -30.80
CA LEU A 5 9.68 5.85 -30.06
C LEU A 5 10.24 4.54 -29.49
N LEU A 6 9.39 3.80 -28.79
CA LEU A 6 9.82 2.55 -28.19
C LEU A 6 10.26 1.54 -29.25
N ASP A 7 9.57 1.51 -30.38
CA ASP A 7 9.95 0.61 -31.47
C ASP A 7 11.45 0.85 -31.81
N LYS A 8 11.86 2.12 -31.86
CA LYS A 8 13.25 2.46 -32.19
C LYS A 8 14.27 1.97 -31.16
N LEU A 9 13.80 1.64 -29.96
CA LEU A 9 14.67 1.14 -28.89
C LEU A 9 14.55 -0.37 -28.76
N GLY A 10 13.83 -1.00 -29.68
CA GLY A 10 13.65 -2.43 -29.54
C GLY A 10 12.76 -2.76 -28.34
N GLN A 11 12.10 -1.77 -27.76
CA GLN A 11 11.24 -1.97 -26.60
C GLN A 11 9.78 -2.10 -27.04
N HIS A 12 9.04 -2.93 -26.35
CA HIS A 12 7.64 -3.12 -26.68
C HIS A 12 6.96 -3.27 -25.34
N LEU A 13 5.78 -2.67 -25.22
CA LEU A 13 4.99 -2.72 -23.99
C LEU A 13 3.85 -3.72 -24.18
N VAL A 14 3.52 -4.45 -23.12
CA VAL A 14 2.45 -5.42 -23.19
C VAL A 14 1.27 -4.80 -22.46
N TRP A 15 0.09 -4.92 -23.07
CA TRP A 15 -1.14 -4.38 -22.52
C TRP A 15 -2.19 -5.46 -22.35
N ARG A 16 -2.86 -5.47 -21.18
CA ARG A 16 -3.94 -6.40 -20.89
C ARG A 16 -4.98 -5.61 -20.11
N GLY A 18 -9.33 -5.65 -18.43
CA GLY A 18 -10.53 -6.38 -18.10
C GLY A 18 -11.04 -5.89 -16.76
N ARG A 19 -12.22 -6.35 -16.38
CA ARG A 19 -12.76 -5.91 -15.12
C ARG A 19 -12.21 -6.69 -13.95
N ALA A 20 -12.02 -6.02 -12.82
CA ALA A 20 -11.55 -6.70 -11.61
C ALA A 20 -12.67 -7.71 -11.27
N GLU A 21 -12.32 -8.86 -10.71
CA GLU A 21 -13.35 -9.87 -10.37
C GLU A 21 -14.30 -9.54 -9.24
N ASP A 22 -13.86 -8.73 -8.30
CA ASP A 22 -14.67 -8.40 -7.14
C ASP A 22 -15.09 -6.92 -6.96
N GLU A 23 -14.79 -6.06 -7.93
CA GLU A 23 -15.21 -4.67 -7.81
C GLU A 23 -15.50 -4.14 -9.19
N ASP A 24 -16.37 -3.14 -9.27
CA ASP A 24 -16.75 -2.56 -10.53
C ASP A 24 -15.63 -1.61 -11.01
N VAL A 25 -14.49 -2.16 -11.37
CA VAL A 25 -13.35 -1.35 -11.80
C VAL A 25 -12.65 -1.93 -13.04
N LEU A 26 -12.35 -1.07 -14.01
CA LEU A 26 -11.63 -1.51 -15.20
C LEU A 26 -10.14 -1.52 -14.84
N VAL A 27 -9.48 -2.65 -15.05
CA VAL A 27 -8.05 -2.72 -14.74
C VAL A 27 -7.22 -2.74 -16.03
N VAL A 28 -6.22 -1.88 -16.11
CA VAL A 28 -5.32 -1.91 -17.25
C VAL A 28 -3.97 -2.31 -16.71
N ARG A 29 -3.41 -3.38 -17.26
CA ARG A 29 -2.08 -3.78 -16.81
C ARG A 29 -1.10 -3.51 -17.92
N VAL A 30 0.05 -2.94 -17.57
CA VAL A 30 1.08 -2.61 -18.56
C VAL A 30 2.50 -2.94 -18.07
N GLY A 31 3.34 -3.40 -18.97
CA GLY A 31 4.70 -3.74 -18.61
C GLY A 31 5.54 -3.96 -19.86
N LEU A 32 6.84 -4.15 -19.70
CA LEU A 32 7.69 -4.43 -20.86
C LEU A 32 7.39 -5.81 -21.37
N ALA A 33 7.74 -6.05 -22.64
CA ALA A 33 7.50 -7.37 -23.25
C ALA A 33 8.18 -8.49 -22.43
N SER A 34 9.31 -8.20 -21.82
CA SER A 34 10.03 -9.19 -21.04
C SER A 34 9.27 -9.64 -19.79
N ALA A 35 8.23 -8.89 -19.41
CA ALA A 35 7.40 -9.19 -18.24
C ALA A 35 6.16 -10.03 -18.57
N THR A 36 6.01 -10.38 -19.84
CA THR A 36 4.88 -11.14 -20.29
C THR A 36 4.54 -12.35 -19.44
N PRO A 37 5.53 -13.20 -19.16
CA PRO A 37 5.26 -14.38 -18.34
C PRO A 37 4.49 -14.02 -17.05
N ARG A 38 4.82 -12.88 -16.42
CA ARG A 38 4.15 -12.50 -15.15
C ARG A 38 2.67 -12.15 -15.21
N PHE A 39 2.21 -11.72 -16.37
CA PHE A 39 0.82 -11.33 -16.50
C PHE A 39 -0.14 -12.46 -16.14
N ARG A 40 0.09 -13.65 -16.69
CA ARG A 40 -0.80 -14.78 -16.44
C ARG A 40 -0.80 -15.27 -15.01
N GLU A 41 0.25 -14.92 -14.27
CA GLU A 41 0.40 -15.32 -12.88
C GLU A 41 -0.50 -14.46 -11.98
N LEU A 42 -0.80 -13.24 -12.44
CA LEU A 42 -1.62 -12.31 -11.69
C LEU A 42 -3.10 -12.73 -11.61
N PRO A 43 -3.82 -12.20 -10.58
CA PRO A 43 -5.24 -12.57 -10.46
C PRO A 43 -5.92 -12.28 -11.77
N ARG A 44 -6.80 -13.18 -12.19
CA ARG A 44 -7.51 -13.02 -13.43
C ARG A 44 -8.49 -11.87 -13.51
N LEU A 45 -8.53 -11.22 -14.66
CA LEU A 45 -9.48 -10.13 -14.94
C LEU A 45 -10.59 -10.69 -15.83
N LEU A 46 -11.77 -10.05 -15.80
CA LEU A 46 -12.90 -10.51 -16.60
C LEU A 46 -13.16 -9.73 -17.88
N ASN A 47 -13.48 -10.47 -18.95
CA ASN A 47 -13.81 -9.82 -20.23
C ASN A 47 -15.06 -8.98 -19.97
N LEU A 48 -15.22 -7.91 -20.74
CA LEU A 48 -16.44 -7.14 -20.58
C LEU A 48 -16.74 -6.44 -21.90
N PRO A 49 -18.02 -6.08 -22.14
CA PRO A 49 -18.39 -5.41 -23.39
C PRO A 49 -17.65 -4.09 -23.52
N GLU A 50 -17.40 -3.69 -24.76
CA GLU A 50 -16.71 -2.45 -25.01
C GLU A 50 -17.49 -1.23 -24.40
N ALA A 51 -18.82 -1.32 -24.39
CA ALA A 51 -19.65 -0.25 -23.82
C ALA A 51 -19.45 -0.10 -22.31
N GLU A 52 -19.24 -1.24 -21.67
CA GLU A 52 -19.00 -1.24 -20.25
C GLU A 52 -17.64 -0.57 -20.02
N ARG A 54 -16.26 1.69 -21.84
CA ARG A 54 -16.38 3.12 -22.03
C ARG A 54 -16.95 3.76 -20.76
N ARG A 55 -18.01 3.15 -20.22
CA ARG A 55 -18.67 3.64 -19.01
C ARG A 55 -17.66 3.78 -17.84
N LEU A 56 -16.89 2.73 -17.65
CA LEU A 56 -15.93 2.69 -16.55
C LEU A 56 -14.84 3.75 -16.73
N VAL A 57 -14.36 3.96 -17.94
CA VAL A 57 -13.33 4.97 -18.15
C VAL A 57 -13.97 6.32 -17.91
N GLN A 58 -15.12 6.55 -18.53
CA GLN A 58 -15.79 7.83 -18.31
C GLN A 58 -16.07 8.12 -16.84
N GLU A 59 -16.46 7.13 -16.04
CA GLU A 59 -16.69 7.45 -14.61
C GLU A 59 -15.38 7.49 -13.79
N GLY A 60 -14.24 7.31 -14.45
CA GLY A 60 -13.01 7.32 -13.70
C GLY A 60 -12.75 6.07 -12.87
N ARG A 61 -13.54 5.02 -13.07
CA ARG A 61 -13.35 3.73 -12.32
C ARG A 61 -12.34 2.84 -13.06
N VAL A 62 -11.08 3.24 -13.03
CA VAL A 62 -10.00 2.54 -13.75
C VAL A 62 -8.73 2.57 -12.88
N ARG A 63 -8.00 1.47 -12.92
CA ARG A 63 -6.78 1.34 -12.18
C ARG A 63 -5.74 0.84 -13.18
N VAL A 64 -4.69 1.60 -13.34
CA VAL A 64 -3.61 1.18 -14.25
C VAL A 64 -2.53 0.53 -13.38
N GLU A 65 -2.06 -0.63 -13.81
CA GLU A 65 -1.10 -1.41 -13.02
C GLU A 65 0.18 -1.74 -13.74
N TRP A 66 1.32 -1.55 -13.08
CA TRP A 66 2.57 -1.84 -13.75
C TRP A 66 3.05 -3.21 -13.33
N VAL A 67 3.37 -4.04 -14.32
CA VAL A 67 3.83 -5.39 -14.08
C VAL A 67 5.32 -5.47 -14.25
N GLU A 68 6.04 -5.70 -13.15
CA GLU A 68 7.49 -5.77 -13.14
C GLU A 68 7.94 -7.06 -13.84
N GLU A 69 9.00 -6.97 -14.63
CA GLU A 69 9.48 -8.18 -15.29
C GLU A 69 10.32 -9.04 -14.34
N GLU B 2 -3.85 -14.10 10.70
CA GLU B 2 -3.53 -14.69 9.41
C GLU B 2 -2.36 -15.70 9.47
N LYS B 3 -1.33 -15.37 10.24
CA LYS B 3 -0.14 -16.20 10.39
C LYS B 3 -0.45 -17.62 10.91
N ASP B 4 -1.42 -17.70 11.82
CA ASP B 4 -1.82 -18.99 12.38
C ASP B 4 -2.53 -19.79 11.27
N LEU B 5 -3.39 -19.13 10.52
CA LEU B 5 -4.08 -19.82 9.44
C LEU B 5 -3.12 -20.37 8.38
N LEU B 6 -2.18 -19.54 7.92
CA LEU B 6 -1.24 -19.99 6.88
C LEU B 6 -0.38 -21.16 7.33
N ASP B 7 -0.06 -21.16 8.61
CA ASP B 7 0.74 -22.23 9.19
C ASP B 7 -0.03 -23.54 9.09
N LYS B 8 -1.32 -23.50 9.39
CA LYS B 8 -2.13 -24.71 9.26
C LYS B 8 -2.13 -25.19 7.82
N LEU B 9 -2.00 -24.26 6.88
CA LEU B 9 -2.03 -24.63 5.47
C LEU B 9 -0.64 -24.98 4.93
N GLY B 10 0.32 -25.10 5.84
CA GLY B 10 1.67 -25.43 5.48
C GLY B 10 2.44 -24.29 4.86
N GLN B 11 2.22 -23.06 5.32
CA GLN B 11 2.94 -21.93 4.69
C GLN B 11 3.08 -20.67 5.52
N HIS B 12 3.94 -19.77 5.06
CA HIS B 12 4.15 -18.50 5.74
C HIS B 12 4.53 -17.40 4.75
N LEU B 13 4.38 -16.17 5.20
CA LEU B 13 4.65 -15.01 4.37
C LEU B 13 6.07 -14.48 4.56
N VAL B 14 6.58 -13.82 3.53
CA VAL B 14 7.89 -13.24 3.60
C VAL B 14 7.63 -11.75 3.41
N TRP B 15 8.28 -10.91 4.22
CA TRP B 15 8.15 -9.45 4.15
C TRP B 15 9.53 -8.80 3.94
N ARG B 16 9.59 -7.82 3.05
CA ARG B 16 10.78 -7.03 2.80
C ARG B 16 10.26 -5.61 2.63
N GLY B 18 11.68 -1.24 2.07
CA GLY B 18 12.82 -0.32 1.89
C GLY B 18 12.31 0.80 1.03
N ARG B 19 13.13 1.83 0.82
CA ARG B 19 12.73 2.96 0.03
C ARG B 19 12.90 2.57 -1.41
N ALA B 20 11.95 2.95 -2.23
CA ALA B 20 12.05 2.66 -3.66
C ALA B 20 13.30 3.40 -4.16
N GLU B 21 14.08 2.74 -5.04
CA GLU B 21 15.32 3.31 -5.61
C GLU B 21 15.18 4.68 -6.23
N ASP B 22 14.06 4.91 -6.92
CA ASP B 22 13.89 6.18 -7.60
C ASP B 22 12.65 7.01 -7.25
N GLU B 23 12.15 6.84 -6.04
CA GLU B 23 10.97 7.59 -5.57
C GLU B 23 11.04 7.66 -4.06
N ASP B 24 10.60 8.77 -3.47
CA ASP B 24 10.61 8.87 -2.02
C ASP B 24 9.30 8.24 -1.50
N VAL B 25 9.24 6.91 -1.58
CA VAL B 25 8.11 6.10 -1.16
C VAL B 25 8.67 4.81 -0.55
N LEU B 26 8.06 4.35 0.53
CA LEU B 26 8.45 3.11 1.17
C LEU B 26 7.73 1.99 0.41
N VAL B 27 8.47 0.96 0.02
CA VAL B 27 7.88 -0.17 -0.69
C VAL B 27 7.80 -1.34 0.27
N VAL B 28 6.61 -1.89 0.48
CA VAL B 28 6.44 -3.05 1.35
C VAL B 28 6.10 -4.23 0.42
N ARG B 29 7.01 -5.21 0.37
CA ARG B 29 6.83 -6.40 -0.44
C ARG B 29 6.44 -7.58 0.44
N VAL B 30 5.47 -8.35 -0.03
CA VAL B 30 5.04 -9.47 0.75
C VAL B 30 4.57 -10.59 -0.16
N GLY B 31 4.75 -11.84 0.27
CA GLY B 31 4.29 -12.97 -0.52
C GLY B 31 4.61 -14.25 0.24
N LEU B 32 4.28 -15.39 -0.34
CA LEU B 32 4.56 -16.66 0.30
C LEU B 32 6.07 -16.97 0.22
N ALA B 33 6.56 -17.75 1.15
CA ALA B 33 7.97 -18.10 1.15
C ALA B 33 8.31 -18.82 -0.15
N SER B 34 7.34 -19.49 -0.74
CA SER B 34 7.61 -20.19 -2.01
C SER B 34 8.04 -19.23 -3.14
N ALA B 35 7.82 -17.92 -2.94
CA ALA B 35 8.20 -16.90 -3.93
C ALA B 35 9.52 -16.19 -3.54
N THR B 36 10.17 -16.67 -2.50
CA THR B 36 11.40 -16.02 -2.06
C THR B 36 12.38 -15.59 -3.16
N PRO B 37 12.73 -16.49 -4.09
CA PRO B 37 13.66 -16.12 -5.16
C PRO B 37 13.25 -14.84 -5.88
N ARG B 38 11.95 -14.61 -5.97
CA ARG B 38 11.43 -13.42 -6.67
C ARG B 38 11.82 -12.11 -5.98
N PHE B 39 11.83 -12.13 -4.64
CA PHE B 39 12.17 -10.91 -3.88
C PHE B 39 13.53 -10.39 -4.25
N ARG B 40 14.45 -11.31 -4.55
CA ARG B 40 15.81 -10.94 -4.91
C ARG B 40 15.88 -10.44 -6.33
N GLU B 41 14.97 -10.91 -7.18
CA GLU B 41 14.95 -10.53 -8.60
C GLU B 41 14.42 -9.12 -8.87
N LEU B 42 13.50 -8.67 -8.05
CA LEU B 42 12.90 -7.35 -8.21
C LEU B 42 13.92 -6.24 -7.97
N PRO B 43 13.64 -5.04 -8.49
CA PRO B 43 14.55 -3.89 -8.31
C PRO B 43 14.86 -3.77 -6.81
N ARG B 44 16.12 -3.46 -6.50
CA ARG B 44 16.59 -3.34 -5.14
C ARG B 44 15.93 -2.20 -4.36
N LEU B 45 15.55 -2.45 -3.11
CA LEU B 45 14.98 -1.39 -2.27
C LEU B 45 16.14 -0.89 -1.38
N LEU B 46 16.06 0.35 -0.89
CA LEU B 46 17.15 0.90 -0.07
C LEU B 46 16.84 0.93 1.43
N ASN B 47 17.83 0.68 2.26
CA ASN B 47 17.65 0.77 3.72
C ASN B 47 17.44 2.22 4.11
N LEU B 48 16.67 2.43 5.18
CA LEU B 48 16.41 3.76 5.69
C LEU B 48 16.30 3.74 7.20
N PRO B 49 16.49 4.90 7.83
CA PRO B 49 16.41 4.97 9.28
C PRO B 49 15.01 4.57 9.72
N GLU B 50 14.96 3.90 10.86
CA GLU B 50 13.67 3.50 11.43
C GLU B 50 12.70 4.71 11.52
N ALA B 51 13.18 5.88 11.92
CA ALA B 51 12.24 7.04 12.01
C ALA B 51 11.76 7.52 10.65
N GLU B 52 12.58 7.36 9.61
CA GLU B 52 12.17 7.77 8.27
C GLU B 52 11.09 6.79 7.76
N ARG B 54 8.97 5.05 9.60
CA ARG B 54 7.77 5.43 10.37
C ARG B 54 7.06 6.63 9.71
N ARG B 55 7.85 7.65 9.39
CA ARG B 55 7.28 8.86 8.76
C ARG B 55 6.51 8.52 7.49
N LEU B 56 7.15 7.78 6.59
CA LEU B 56 6.54 7.45 5.32
C LEU B 56 5.23 6.65 5.46
N VAL B 57 5.18 5.76 6.43
CA VAL B 57 3.95 4.99 6.65
C VAL B 57 2.87 5.91 7.21
N GLN B 58 3.24 6.76 8.16
CA GLN B 58 2.27 7.70 8.74
C GLN B 58 1.83 8.75 7.69
N GLU B 59 2.63 8.97 6.65
CA GLU B 59 2.24 9.93 5.61
C GLU B 59 1.49 9.24 4.45
N GLY B 60 1.25 7.94 4.57
CA GLY B 60 0.56 7.24 3.49
C GLY B 60 1.48 7.07 2.29
N ARG B 61 2.76 7.42 2.43
CA ARG B 61 3.68 7.25 1.30
C ARG B 61 4.34 5.86 1.28
N VAL B 62 3.48 4.87 1.08
CA VAL B 62 3.88 3.48 1.02
C VAL B 62 3.09 2.73 -0.05
N ARG B 63 3.78 1.84 -0.74
CA ARG B 63 3.19 1.03 -1.79
C ARG B 63 3.41 -0.44 -1.42
N VAL B 64 2.36 -1.22 -1.40
CA VAL B 64 2.50 -2.62 -1.06
C VAL B 64 2.51 -3.39 -2.38
N GLU B 65 3.39 -4.39 -2.50
CA GLU B 65 3.43 -5.17 -3.75
C GLU B 65 3.39 -6.63 -3.34
N TRP B 66 2.64 -7.45 -4.08
CA TRP B 66 2.56 -8.85 -3.77
C TRP B 66 3.59 -9.55 -4.63
N VAL B 67 4.42 -10.38 -4.01
CA VAL B 67 5.45 -11.08 -4.74
C VAL B 67 5.04 -12.53 -5.09
N GLU B 68 4.92 -12.80 -6.38
CA GLU B 68 4.53 -14.11 -6.92
C GLU B 68 5.67 -14.67 -7.81
N HIS C 12 -17.75 11.54 20.76
CA HIS C 12 -17.19 12.84 20.28
C HIS C 12 -15.94 12.58 19.40
N LEU C 13 -15.89 13.24 18.26
CA LEU C 13 -14.77 13.11 17.34
C LEU C 13 -13.79 14.23 17.66
N VAL C 14 -12.68 14.22 16.94
CA VAL C 14 -11.69 15.27 17.08
C VAL C 14 -11.13 15.38 15.67
N TRP C 15 -10.87 16.60 15.25
CA TRP C 15 -10.39 16.86 13.91
C TRP C 15 -9.22 17.80 13.95
N ARG C 16 -8.31 17.65 12.99
CA ARG C 16 -7.14 18.49 12.86
C ARG C 16 -6.91 18.69 11.37
N GLY C 18 -4.19 20.62 8.45
CA GLY C 18 -2.95 21.36 8.26
C GLY C 18 -2.28 20.83 7.02
N ARG C 19 -1.19 21.49 6.63
CA ARG C 19 -0.50 21.05 5.41
C ARG C 19 0.53 20.02 5.81
N ALA C 20 0.84 19.09 4.91
CA ALA C 20 1.86 18.09 5.22
C ALA C 20 3.23 18.84 5.15
N GLU C 21 4.20 18.48 5.99
CA GLU C 21 5.51 19.15 5.98
C GLU C 21 6.27 18.98 4.68
N ASP C 22 6.19 17.77 4.11
CA ASP C 22 6.90 17.42 2.88
C ASP C 22 6.23 17.61 1.53
N GLU C 23 4.90 17.63 1.50
CA GLU C 23 4.17 17.76 0.24
C GLU C 23 3.13 18.89 0.30
N ASP C 24 2.79 19.42 -0.88
CA ASP C 24 1.79 20.48 -0.96
C ASP C 24 0.39 19.86 -0.96
N VAL C 25 -0.01 19.34 0.19
CA VAL C 25 -1.31 18.66 0.34
C VAL C 25 -1.93 18.94 1.71
N LEU C 26 -3.24 19.17 1.74
CA LEU C 26 -3.94 19.42 2.99
C LEU C 26 -4.23 18.07 3.65
N VAL C 27 -3.78 17.87 4.87
CA VAL C 27 -4.08 16.60 5.56
C VAL C 27 -5.18 16.89 6.58
N VAL C 28 -6.26 16.10 6.54
CA VAL C 28 -7.37 16.24 7.51
C VAL C 28 -7.37 14.95 8.35
N ARG C 29 -7.11 15.07 9.65
CA ARG C 29 -7.10 13.88 10.50
C ARG C 29 -8.34 13.92 11.37
N VAL C 30 -8.94 12.76 11.58
CA VAL C 30 -10.14 12.65 12.39
C VAL C 30 -10.14 11.29 13.13
N GLY C 31 -10.80 11.24 14.28
CA GLY C 31 -10.88 10.01 15.06
C GLY C 31 -11.67 10.32 16.31
N LEU C 32 -11.87 9.34 17.20
CA LEU C 32 -12.58 9.57 18.46
C LEU C 32 -11.76 10.44 19.43
N ALA C 33 -12.44 11.13 20.34
CA ALA C 33 -11.78 11.99 21.35
C ALA C 33 -10.73 11.19 22.12
N SER C 34 -11.03 9.92 22.34
CA SER C 34 -10.10 9.06 23.06
C SER C 34 -8.80 8.89 22.28
N ALA C 35 -8.82 9.15 20.98
CA ALA C 35 -7.60 9.01 20.18
C ALA C 35 -6.68 10.23 20.22
N THR C 36 -7.13 11.29 20.89
CA THR C 36 -6.34 12.53 20.92
C THR C 36 -4.83 12.39 21.18
N PRO C 37 -4.44 11.56 22.16
CA PRO C 37 -3.01 11.41 22.41
C PRO C 37 -2.27 10.88 21.17
N ARG C 38 -2.95 10.05 20.38
CA ARG C 38 -2.35 9.48 19.18
C ARG C 38 -2.10 10.52 18.08
N PHE C 39 -2.84 11.62 18.09
CA PHE C 39 -2.64 12.64 17.05
C PHE C 39 -1.26 13.25 17.16
N ARG C 40 -0.86 13.54 18.40
CA ARG C 40 0.45 14.13 18.66
C ARG C 40 1.63 13.30 18.16
N GLU C 41 1.49 11.98 18.14
CA GLU C 41 2.58 11.11 17.70
C GLU C 41 2.76 11.18 16.19
N LEU C 42 1.80 11.77 15.51
CA LEU C 42 1.88 11.88 14.06
C LEU C 42 2.74 13.04 13.58
N PRO C 43 3.19 12.97 12.32
CA PRO C 43 4.02 14.07 11.81
C PRO C 43 3.28 15.38 12.04
N ARG C 44 3.99 16.37 12.55
CA ARG C 44 3.40 17.69 12.84
C ARG C 44 2.90 18.36 11.56
N LEU C 45 1.63 18.78 11.52
CA LEU C 45 1.12 19.46 10.30
C LEU C 45 1.39 20.96 10.39
N LEU C 46 1.60 21.61 9.24
CA LEU C 46 1.88 23.05 9.22
C LEU C 46 0.62 23.90 9.18
N ASN C 47 0.63 25.03 9.88
CA ASN C 47 -0.54 25.86 9.79
C ASN C 47 -0.57 26.51 8.41
N LEU C 48 -1.76 26.89 7.98
CA LEU C 48 -1.92 27.51 6.67
C LEU C 48 -2.94 28.62 6.76
N PRO C 49 -2.82 29.63 5.88
CA PRO C 49 -3.79 30.72 5.89
C PRO C 49 -5.01 30.11 5.22
N GLU C 50 -6.21 30.58 5.56
CA GLU C 50 -7.44 30.05 4.95
C GLU C 50 -7.36 29.99 3.43
N ALA C 51 -6.85 31.06 2.82
CA ALA C 51 -6.75 31.11 1.37
C ALA C 51 -5.97 29.90 0.82
N GLU C 52 -4.89 29.53 1.50
CA GLU C 52 -4.10 28.39 1.02
C GLU C 52 -4.90 27.09 1.18
N ARG C 54 -8.07 26.87 1.03
CA ARG C 54 -9.09 26.89 -0.03
C ARG C 54 -8.48 26.37 -1.32
N ARG C 55 -7.26 26.83 -1.58
CA ARG C 55 -6.54 26.47 -2.77
C ARG C 55 -6.37 24.97 -2.87
N LEU C 56 -5.83 24.39 -1.81
CA LEU C 56 -5.59 22.94 -1.76
C LEU C 56 -6.88 22.17 -1.91
N VAL C 57 -7.94 22.56 -1.21
CA VAL C 57 -9.22 21.84 -1.32
C VAL C 57 -9.73 21.90 -2.76
N GLN C 58 -9.86 23.12 -3.30
CA GLN C 58 -10.39 23.25 -4.64
C GLN C 58 -9.57 22.54 -5.74
N GLU C 59 -8.28 22.29 -5.47
CA GLU C 59 -7.44 21.60 -6.42
C GLU C 59 -7.48 20.09 -6.22
N GLY C 60 -8.15 19.65 -5.17
CA GLY C 60 -8.26 18.22 -4.90
C GLY C 60 -7.01 17.67 -4.26
N ARG C 61 -6.19 18.56 -3.69
CA ARG C 61 -4.95 18.14 -3.05
C ARG C 61 -5.19 17.94 -1.56
N VAL C 62 -5.97 16.92 -1.22
CA VAL C 62 -6.26 16.68 0.19
C VAL C 62 -6.37 15.19 0.51
N ARG C 63 -5.93 14.82 1.69
CA ARG C 63 -6.09 13.44 2.11
C ARG C 63 -6.66 13.45 3.53
N VAL C 64 -7.68 12.61 3.73
CA VAL C 64 -8.37 12.49 5.02
C VAL C 64 -7.89 11.19 5.66
N GLU C 65 -7.40 11.27 6.89
CA GLU C 65 -6.91 10.08 7.55
C GLU C 65 -7.56 9.88 8.92
N TRP C 66 -7.93 8.64 9.19
CA TRP C 66 -8.52 8.31 10.49
C TRP C 66 -7.43 7.91 11.47
N VAL C 67 -7.56 8.36 12.70
CA VAL C 67 -6.58 8.07 13.72
C VAL C 67 -7.01 7.10 14.81
N GLU C 68 -6.08 6.19 15.10
CA GLU C 68 -6.15 5.15 16.12
C GLU C 68 -6.75 3.91 15.47
N GLU C 69 -6.59 3.89 14.16
CA GLU C 69 -7.06 2.82 13.32
C GLU C 69 -8.44 2.31 13.56
N GLU D 2 16.66 -4.15 5.39
CA GLU D 2 16.17 -3.33 6.48
C GLU D 2 16.14 -4.04 7.84
N LYS D 3 15.72 -5.30 7.89
CA LYS D 3 15.68 -6.01 9.16
C LYS D 3 17.07 -6.06 9.78
N ASP D 4 18.07 -6.29 8.92
CA ASP D 4 19.47 -6.37 9.33
C ASP D 4 19.91 -5.06 9.94
N LEU D 5 19.67 -3.97 9.23
CA LEU D 5 20.01 -2.65 9.74
C LEU D 5 19.41 -2.45 11.13
N LEU D 6 18.08 -2.58 11.23
CA LEU D 6 17.37 -2.35 12.50
C LEU D 6 17.91 -3.23 13.61
N ASP D 7 18.37 -4.41 13.25
CA ASP D 7 18.91 -5.33 14.25
C ASP D 7 20.19 -4.77 14.93
N LYS D 8 20.96 -3.98 14.20
CA LYS D 8 22.20 -3.36 14.72
C LYS D 8 21.87 -2.31 15.77
N LEU D 9 20.65 -1.78 15.73
CA LEU D 9 20.21 -0.79 16.69
C LEU D 9 19.36 -1.46 17.77
N GLY D 10 19.28 -2.80 17.74
CA GLY D 10 18.49 -3.50 18.72
C GLY D 10 16.97 -3.39 18.54
N GLN D 11 16.52 -3.17 17.32
CA GLN D 11 15.09 -3.06 17.10
C GLN D 11 14.58 -4.15 16.17
N HIS D 12 13.34 -4.55 16.42
CA HIS D 12 12.73 -5.61 15.64
C HIS D 12 11.29 -5.25 15.38
N LEU D 13 10.91 -5.32 14.12
CA LEU D 13 9.56 -4.98 13.71
C LEU D 13 8.64 -6.17 13.83
N VAL D 14 7.39 -5.89 14.18
CA VAL D 14 6.34 -6.91 14.33
C VAL D 14 5.39 -6.63 13.17
N TRP D 15 4.97 -7.68 12.46
CA TRP D 15 4.06 -7.52 11.33
C TRP D 15 2.75 -8.28 11.56
N ARG D 16 1.63 -7.70 11.14
CA ARG D 16 0.35 -8.39 11.25
C ARG D 16 -0.41 -7.99 10.01
N GLY D 18 -4.30 -8.72 7.64
CA GLY D 18 -5.61 -9.34 7.55
C GLY D 18 -6.63 -8.34 7.04
N ARG D 19 -7.85 -8.84 6.89
CA ARG D 19 -8.91 -7.99 6.42
C ARG D 19 -9.42 -7.17 7.59
N ALA D 20 -9.67 -5.89 7.35
CA ALA D 20 -10.17 -5.01 8.40
C ALA D 20 -11.58 -5.44 8.71
N GLU D 21 -12.00 -5.27 9.95
CA GLU D 21 -13.37 -5.63 10.28
C GLU D 21 -14.24 -4.52 9.71
N ASP D 22 -15.45 -4.85 9.33
CA ASP D 22 -16.38 -3.88 8.77
C ASP D 22 -15.84 -3.05 7.61
N GLU D 23 -14.90 -3.60 6.84
CA GLU D 23 -14.35 -2.87 5.69
C GLU D 23 -13.90 -3.78 4.53
N ASP D 24 -13.84 -3.22 3.33
CA ASP D 24 -13.40 -3.99 2.17
C ASP D 24 -11.94 -3.74 1.80
N VAL D 25 -11.06 -3.62 2.80
CA VAL D 25 -9.65 -3.40 2.51
C VAL D 25 -8.78 -4.33 3.33
N LEU D 26 -7.56 -4.55 2.85
CA LEU D 26 -6.55 -5.37 3.56
C LEU D 26 -5.78 -4.39 4.43
N VAL D 27 -5.44 -4.80 5.65
CA VAL D 27 -4.66 -3.95 6.54
C VAL D 27 -3.33 -4.64 6.85
N VAL D 28 -2.24 -3.88 6.82
CA VAL D 28 -0.91 -4.38 7.18
C VAL D 28 -0.50 -3.45 8.34
N ARG D 29 -0.23 -4.01 9.50
CA ARG D 29 0.15 -3.23 10.67
C ARG D 29 1.60 -3.57 10.91
N VAL D 30 2.42 -2.55 11.19
CA VAL D 30 3.83 -2.79 11.41
C VAL D 30 4.25 -1.85 12.53
N GLY D 31 5.22 -2.29 13.32
CA GLY D 31 5.70 -1.45 14.42
C GLY D 31 6.75 -2.17 15.22
N LEU D 32 7.36 -1.47 16.19
CA LEU D 32 8.40 -2.07 17.00
C LEU D 32 7.83 -3.09 17.95
N ALA D 33 8.68 -4.00 18.45
CA ALA D 33 8.22 -5.04 19.35
C ALA D 33 7.49 -4.48 20.57
N SER D 34 7.86 -3.27 21.00
CA SER D 34 7.23 -2.67 22.18
C SER D 34 5.76 -2.34 22.05
N ALA D 35 5.27 -2.22 20.81
CA ALA D 35 3.87 -1.94 20.59
C ALA D 35 3.06 -3.25 20.52
N THR D 36 3.71 -4.36 20.81
CA THR D 36 3.03 -5.65 20.79
C THR D 36 1.69 -5.59 21.52
N PRO D 37 1.62 -4.89 22.66
CA PRO D 37 0.32 -4.85 23.32
C PRO D 37 -0.73 -4.12 22.47
N ARG D 38 -0.32 -3.05 21.80
CA ARG D 38 -1.23 -2.26 20.97
C ARG D 38 -1.82 -3.12 19.82
N PHE D 39 -0.97 -3.99 19.25
CA PHE D 39 -1.37 -4.87 18.17
C PHE D 39 -2.53 -5.74 18.64
N ARG D 40 -2.51 -6.11 19.92
CA ARG D 40 -3.58 -6.97 20.43
C ARG D 40 -4.82 -6.18 20.79
N GLU D 41 -4.62 -4.89 21.06
CA GLU D 41 -5.68 -3.97 21.44
C GLU D 41 -6.52 -3.37 20.28
N LEU D 42 -5.88 -3.13 19.15
CA LEU D 42 -6.58 -2.57 17.99
C LEU D 42 -7.72 -3.46 17.50
N PRO D 43 -8.57 -2.94 16.61
CA PRO D 43 -9.67 -3.78 16.11
C PRO D 43 -9.10 -5.01 15.40
N ARG D 44 -9.69 -6.16 15.71
CA ARG D 44 -9.27 -7.45 15.17
C ARG D 44 -9.23 -7.49 13.66
N LEU D 45 -8.16 -8.04 13.11
CA LEU D 45 -8.11 -8.14 11.66
C LEU D 45 -8.64 -9.55 11.43
N LEU D 46 -9.25 -9.79 10.27
CA LEU D 46 -9.81 -11.11 9.98
C LEU D 46 -8.98 -11.95 9.01
N ASN D 47 -8.93 -13.25 9.24
CA ASN D 47 -8.20 -14.13 8.35
C ASN D 47 -8.90 -14.06 7.01
N LEU D 48 -8.17 -14.29 5.92
CA LEU D 48 -8.82 -14.29 4.61
C LEU D 48 -8.04 -15.20 3.67
N PRO D 49 -8.70 -15.71 2.63
CA PRO D 49 -8.02 -16.60 1.69
C PRO D 49 -6.82 -15.92 1.05
N GLU D 50 -5.80 -16.69 0.71
CA GLU D 50 -4.60 -16.13 0.08
C GLU D 50 -4.99 -15.38 -1.18
N ALA D 51 -5.89 -15.97 -1.97
CA ALA D 51 -6.32 -15.39 -3.23
C ALA D 51 -6.91 -13.99 -3.06
N GLU D 52 -7.68 -13.77 -1.98
CA GLU D 52 -8.27 -12.46 -1.78
C GLU D 52 -7.19 -11.43 -1.39
N ARG D 54 -4.13 -11.44 -2.23
CA ARG D 54 -3.42 -11.09 -3.45
C ARG D 54 -4.19 -10.09 -4.29
N ARG D 55 -5.50 -10.32 -4.43
CA ARG D 55 -6.37 -9.42 -5.21
C ARG D 55 -6.45 -8.05 -4.57
N LEU D 56 -6.66 -8.02 -3.26
CA LEU D 56 -6.74 -6.74 -2.56
C LEU D 56 -5.47 -5.92 -2.81
N VAL D 57 -4.31 -6.52 -2.63
CA VAL D 57 -3.06 -5.78 -2.87
C VAL D 57 -2.93 -5.33 -4.33
N GLN D 58 -3.26 -6.22 -5.24
CA GLN D 58 -3.14 -5.94 -6.67
C GLN D 58 -4.06 -4.75 -7.04
N GLU D 59 -5.22 -4.69 -6.41
CA GLU D 59 -6.19 -3.61 -6.67
C GLU D 59 -5.87 -2.32 -5.91
N GLY D 60 -4.88 -2.36 -5.03
CA GLY D 60 -4.53 -1.18 -4.26
C GLY D 60 -5.41 -1.00 -3.04
N ARG D 61 -6.21 -2.02 -2.68
CA ARG D 61 -7.12 -1.89 -1.54
C ARG D 61 -6.47 -2.42 -0.28
N VAL D 62 -5.46 -1.68 0.14
CA VAL D 62 -4.70 -2.02 1.32
C VAL D 62 -4.23 -0.73 1.97
N ARG D 63 -4.26 -0.71 3.30
CA ARG D 63 -3.77 0.45 4.03
C ARG D 63 -2.72 -0.11 5.00
N VAL D 64 -1.64 0.63 5.21
CA VAL D 64 -0.56 0.20 6.09
C VAL D 64 -0.61 1.13 7.31
N GLU D 65 -0.55 0.57 8.51
CA GLU D 65 -0.62 1.39 9.71
C GLU D 65 0.59 1.15 10.57
N TRP D 66 1.21 2.23 11.02
CA TRP D 66 2.38 2.14 11.89
C TRP D 66 1.80 2.05 13.30
N VAL D 67 2.17 0.98 14.02
CA VAL D 67 1.65 0.79 15.36
C VAL D 67 2.67 1.15 16.44
N GLU D 68 2.26 2.04 17.34
CA GLU D 68 3.07 2.47 18.47
C GLU D 68 2.36 2.07 19.78
N GLU D 69 3.13 1.71 20.80
CA GLU D 69 2.53 1.33 22.08
C GLU D 69 1.58 2.44 22.55
#